data_4G77
#
_entry.id   4G77
#
_cell.length_a   62.624
_cell.length_b   49.869
_cell.length_c   65.451
_cell.angle_alpha   90.00
_cell.angle_beta   107.25
_cell.angle_gamma   90.00
#
_symmetry.space_group_name_H-M   'P 1 21 1'
#
loop_
_entity.id
_entity.type
_entity.pdbx_description
1 polymer Lactotransferrin
2 branched 2-acetamido-2-deoxy-beta-D-glucopyranose-(1-4)-2-acetamido-2-deoxy-beta-D-glucopyranose
3 non-polymer 'FE (III) ION'
4 non-polymer 'CARBONATE ION'
5 non-polymer 'SULFATE ION'
6 non-polymer 'ZINC ION'
7 non-polymer 2-acetamido-2-deoxy-beta-D-glucopyranose
8 non-polymer '2-[(3-chloro-2-methylphenyl)amino]benzoic acid'
9 water water
#
_entity_poly.entity_id   1
_entity_poly.type   'polypeptide(L)'
_entity_poly.pdbx_seq_one_letter_code
;YTRVVWCAVGPEEQKKCQQWSQQSGQNVTCATASTTDDCIVLVLKGEADALNLDGGYIYTAGKCGLVPVLAENRKSSKHS
SLDCVLRPTEGYLAVAVVKKANEGLTWNSLKDKKSCHTAVDRTAGWNIPMGLIVNQTGSCAFDEFFSQSCAPGADPKSRL
CALCAGDDQGLDKCVPNSKEKYYGYTGAFRCLAEDVGDVAFVKNDTVWENTNGESTADWAKNLKREDFRLLCLDGTRKPV
TEAQSCHLAVAPNHAVVSRSDRAAHVEQVLLHQQALFGKNGKNCPDKFCLFKSETKNLLFNDNTECLAKLGGRPTYEEYL
GTEYVTAIANLKKCSTSPLLEACAF
;
_entity_poly.pdbx_strand_id   A
#
loop_
_chem_comp.id
_chem_comp.type
_chem_comp.name
_chem_comp.formula
CO3 non-polymer 'CARBONATE ION' 'C O3 -2'
FE non-polymer 'FE (III) ION' 'Fe 3'
NAG D-saccharide, beta linking 2-acetamido-2-deoxy-beta-D-glucopyranose 'C8 H15 N O6'
SO4 non-polymer 'SULFATE ION' 'O4 S -2'
TLF non-polymer '2-[(3-chloro-2-methylphenyl)amino]benzoic acid' 'C14 H12 Cl N O2'
ZN non-polymer 'ZINC ION' 'Zn 2'
#
# COMPACT_ATOMS: atom_id res chain seq x y z
N TYR A 1 29.84 -0.94 8.35
CA TYR A 1 28.48 -0.33 8.48
C TYR A 1 28.49 1.23 8.52
N THR A 2 27.58 1.80 7.74
CA THR A 2 27.16 3.17 7.92
C THR A 2 25.78 3.08 8.62
N ARG A 3 25.31 4.21 9.16
CA ARG A 3 23.90 4.33 9.49
C ARG A 3 23.04 4.22 8.21
N VAL A 4 21.83 3.67 8.35
CA VAL A 4 20.88 3.71 7.23
C VAL A 4 19.86 4.83 7.56
N VAL A 5 19.60 5.68 6.59
CA VAL A 5 18.65 6.78 6.73
C VAL A 5 17.32 6.30 6.08
N TRP A 6 16.32 6.04 6.91
CA TRP A 6 15.02 5.62 6.43
C TRP A 6 14.21 6.84 6.01
N CYS A 7 13.33 6.72 5.01
CA CYS A 7 12.48 7.90 4.72
C CYS A 7 11.04 7.59 5.18
N ALA A 8 10.52 8.46 6.04
CA ALA A 8 9.18 8.35 6.61
C ALA A 8 8.26 9.32 5.85
N VAL A 9 7.05 8.86 5.56
CA VAL A 9 6.07 9.64 4.82
C VAL A 9 5.02 10.12 5.84
N GLY A 10 5.06 11.45 6.06
CA GLY A 10 4.23 12.19 6.98
C GLY A 10 4.64 12.02 8.45
N PRO A 11 3.95 12.78 9.33
CA PRO A 11 4.38 12.83 10.71
C PRO A 11 4.18 11.59 11.57
N GLU A 12 3.25 10.71 11.18
CA GLU A 12 2.99 9.59 12.02
C GLU A 12 4.06 8.53 11.72
N GLU A 13 4.40 8.34 10.44
CA GLU A 13 5.58 7.52 10.14
C GLU A 13 6.83 8.08 10.74
N GLN A 14 6.97 9.40 10.71
CA GLN A 14 8.17 10.01 11.23
C GLN A 14 8.33 9.72 12.71
N LYS A 15 7.23 9.80 13.44
CA LYS A 15 7.29 9.45 14.89
C LYS A 15 7.69 8.01 15.09
N LYS A 16 7.06 7.09 14.36
CA LYS A 16 7.50 5.69 14.42
C LYS A 16 8.98 5.48 14.10
N CYS A 17 9.43 6.15 13.04
CA CYS A 17 10.81 6.08 12.61
C CYS A 17 11.74 6.56 13.74
N GLN A 18 11.35 7.63 14.44
CA GLN A 18 12.18 8.13 15.52
C GLN A 18 12.29 7.13 16.68
N GLN A 19 11.23 6.41 16.96
CA GLN A 19 11.31 5.38 18.02
C GLN A 19 12.23 4.24 17.58
N TRP A 20 12.06 3.80 16.33
CA TRP A 20 13.00 2.85 15.73
C TRP A 20 14.48 3.33 15.82
N SER A 21 14.73 4.57 15.45
CA SER A 21 16.09 5.11 15.46
C SER A 21 16.65 5.05 16.90
N GLN A 22 15.88 5.62 17.86
CA GLN A 22 16.22 5.52 19.29
C GLN A 22 16.57 4.11 19.72
N GLN A 23 15.68 3.16 19.46
CA GLN A 23 15.92 1.77 19.80
C GLN A 23 17.06 1.06 19.09
N SER A 24 17.40 1.48 17.87
CA SER A 24 18.47 0.88 17.06
C SER A 24 19.87 1.44 17.46
N GLY A 25 19.89 2.36 18.42
CA GLY A 25 21.09 3.16 18.79
C GLY A 25 21.63 3.94 17.61
N GLN A 26 20.73 4.50 16.79
CA GLN A 26 21.10 5.28 15.60
C GLN A 26 21.75 4.51 14.51
N ASN A 27 21.66 3.18 14.52
CA ASN A 27 21.96 2.40 13.29
C ASN A 27 21.05 2.73 12.09
N VAL A 28 19.85 3.19 12.45
CA VAL A 28 18.86 3.74 11.52
C VAL A 28 18.49 5.14 12.02
N THR A 29 18.45 6.10 11.12
CA THR A 29 17.94 7.43 11.43
C THR A 29 16.92 7.79 10.33
N CYS A 30 16.32 8.99 10.41
CA CYS A 30 15.03 9.22 9.81
C CYS A 30 15.12 10.51 9.01
N ALA A 31 14.65 10.51 7.78
CA ALA A 31 14.40 11.71 7.03
C ALA A 31 12.87 11.61 6.90
N THR A 32 12.16 12.71 6.66
CA THR A 32 10.74 12.62 6.49
C THR A 32 10.37 13.56 5.37
N ALA A 33 9.31 13.19 4.65
CA ALA A 33 8.81 13.98 3.51
C ALA A 33 7.28 13.86 3.58
N SER A 34 6.57 14.72 2.83
CA SER A 34 5.13 14.74 2.90
C SER A 34 4.50 13.64 2.05
N THR A 35 5.19 13.20 1.03
CA THR A 35 4.63 12.26 0.14
C THR A 35 5.63 11.17 -0.24
N THR A 36 5.09 10.06 -0.73
CA THR A 36 5.99 8.94 -1.10
C THR A 36 6.94 9.40 -2.24
N ASP A 37 6.36 10.08 -3.24
CA ASP A 37 7.13 10.68 -4.31
C ASP A 37 8.26 11.57 -3.80
N ASP A 38 7.99 12.43 -2.81
CA ASP A 38 9.02 13.21 -2.21
C ASP A 38 10.08 12.38 -1.47
N CYS A 39 9.66 11.31 -0.81
CA CYS A 39 10.72 10.41 -0.23
C CYS A 39 11.53 9.78 -1.32
N ILE A 40 10.92 9.41 -2.45
CA ILE A 40 11.73 8.84 -3.51
C ILE A 40 12.82 9.85 -4.02
N VAL A 41 12.46 11.14 -4.19
CA VAL A 41 13.39 12.22 -4.51
C VAL A 41 14.47 12.35 -3.49
N LEU A 42 14.17 12.26 -2.19
CA LEU A 42 15.23 12.33 -1.20
C LEU A 42 16.24 11.16 -1.40
N VAL A 43 15.70 10.00 -1.70
CA VAL A 43 16.60 8.86 -1.88
C VAL A 43 17.46 9.11 -3.15
N LEU A 44 16.84 9.62 -4.21
CA LEU A 44 17.59 9.90 -5.46
C LEU A 44 18.71 10.88 -5.20
N LYS A 45 18.45 11.89 -4.36
CA LYS A 45 19.48 12.88 -4.04
C LYS A 45 20.53 12.31 -3.08
N GLY A 46 20.25 11.18 -2.43
CA GLY A 46 21.19 10.51 -1.47
C GLY A 46 21.07 11.15 -0.09
N GLU A 47 19.95 11.87 0.13
CA GLU A 47 19.54 12.43 1.42
C GLU A 47 18.77 11.49 2.30
N ALA A 48 18.29 10.36 1.74
CA ALA A 48 17.83 9.21 2.48
C ALA A 48 18.33 7.94 1.74
N ASP A 49 18.33 6.81 2.45
CA ASP A 49 18.77 5.53 1.84
C ASP A 49 17.63 4.69 1.25
N ALA A 50 16.48 4.68 1.93
CA ALA A 50 15.53 3.59 1.65
C ALA A 50 14.16 3.86 2.25
N LEU A 51 13.14 3.24 1.68
CA LEU A 51 11.82 3.12 2.29
C LEU A 51 11.09 1.93 1.67
N ASN A 52 10.04 1.49 2.34
CA ASN A 52 9.25 0.40 1.86
C ASN A 52 8.13 0.93 1.00
N LEU A 53 7.85 0.32 -0.16
CA LEU A 53 6.96 0.95 -1.14
C LEU A 53 5.90 -0.02 -1.68
N ASP A 54 4.67 0.47 -1.95
CA ASP A 54 3.73 -0.24 -2.75
C ASP A 54 4.29 -0.43 -4.18
N GLY A 55 3.78 -1.40 -4.90
CA GLY A 55 4.33 -1.84 -6.25
C GLY A 55 4.21 -0.66 -7.20
N GLY A 56 3.10 0.12 -7.15
CA GLY A 56 2.98 1.28 -8.06
C GLY A 56 4.06 2.31 -7.81
N TYR A 57 4.42 2.51 -6.55
CA TYR A 57 5.54 3.41 -6.28
C TYR A 57 6.88 2.77 -6.61
N ILE A 58 6.99 1.45 -6.45
CA ILE A 58 8.24 0.80 -6.98
C ILE A 58 8.42 1.10 -8.47
N TYR A 59 7.32 1.11 -9.24
CA TYR A 59 7.45 1.46 -10.66
C TYR A 59 8.08 2.88 -10.84
N THR A 60 7.60 3.86 -10.08
CA THR A 60 8.13 5.24 -10.14
C THR A 60 9.61 5.25 -9.74
N ALA A 61 9.93 4.61 -8.61
CA ALA A 61 11.32 4.60 -8.05
C ALA A 61 12.23 3.92 -9.04
N GLY A 62 11.73 2.83 -9.63
CA GLY A 62 12.48 1.97 -10.54
C GLY A 62 12.82 2.67 -11.85
N LYS A 63 11.85 3.41 -12.40
CA LYS A 63 12.11 4.19 -13.58
C LYS A 63 13.21 5.21 -13.30
N CYS A 64 13.37 5.59 -12.03
CA CYS A 64 14.41 6.56 -11.66
C CYS A 64 15.69 5.88 -11.22
N GLY A 65 15.75 4.55 -11.34
CA GLY A 65 16.99 3.87 -10.97
C GLY A 65 17.09 3.23 -9.64
N LEU A 66 16.05 3.31 -8.78
CA LEU A 66 16.19 2.66 -7.46
C LEU A 66 15.84 1.20 -7.68
N VAL A 67 16.27 0.36 -6.76
CA VAL A 67 16.18 -1.09 -6.90
C VAL A 67 15.52 -1.76 -5.70
N PRO A 68 14.81 -2.88 -5.90
CA PRO A 68 14.18 -3.56 -4.75
C PRO A 68 15.29 -4.28 -3.95
N VAL A 69 15.12 -4.33 -2.63
CA VAL A 69 16.12 -4.85 -1.72
C VAL A 69 15.61 -6.12 -0.97
N LEU A 70 14.49 -5.97 -0.25
CA LEU A 70 13.81 -7.09 0.43
C LEU A 70 12.30 -6.83 0.29
N ALA A 71 11.50 -7.89 0.34
CA ALA A 71 10.02 -7.76 0.17
C ALA A 71 9.30 -8.05 1.50
N GLU A 72 8.16 -7.38 1.73
CA GLU A 72 7.28 -7.80 2.81
C GLU A 72 6.82 -9.24 2.57
N ASN A 73 6.84 -10.06 3.61
CA ASN A 73 6.31 -11.43 3.50
C ASN A 73 5.30 -11.61 4.62
N ARG A 74 4.10 -12.02 4.34
CA ARG A 74 3.13 -12.12 5.42
C ARG A 74 2.87 -13.58 5.67
N LYS A 75 2.01 -13.91 6.62
CA LYS A 75 1.82 -15.31 6.93
C LYS A 75 1.42 -16.10 5.69
N SER A 76 2.15 -17.15 5.41
CA SER A 76 1.85 -17.92 4.25
C SER A 76 0.56 -18.62 4.49
N SER A 77 -0.21 -18.78 3.45
CA SER A 77 -1.42 -19.57 3.51
C SER A 77 -1.10 -21.03 3.84
N LYS A 78 0.03 -21.50 3.35
CA LYS A 78 0.43 -22.88 3.50
C LYS A 78 1.67 -23.00 4.34
N HIS A 79 1.70 -24.01 5.19
CA HIS A 79 2.82 -24.24 6.10
C HIS A 79 4.12 -24.41 5.34
N SER A 80 5.18 -23.82 5.89
CA SER A 80 6.46 -23.94 5.22
C SER A 80 7.59 -24.32 6.14
N SER A 81 8.41 -25.25 5.66
CA SER A 81 9.64 -25.57 6.32
C SER A 81 10.55 -24.33 6.32
N LEU A 82 10.52 -23.58 5.23
CA LEU A 82 11.38 -22.44 5.02
C LEU A 82 11.25 -21.34 6.05
N ASP A 83 12.36 -20.76 6.49
CA ASP A 83 12.29 -19.58 7.34
C ASP A 83 11.63 -18.46 6.48
N CYS A 84 10.88 -17.60 7.13
CA CYS A 84 10.18 -16.43 6.52
C CYS A 84 11.11 -15.66 5.58
N VAL A 85 12.32 -15.38 6.00
CA VAL A 85 13.24 -14.55 5.22
C VAL A 85 13.62 -15.23 3.92
N LEU A 86 13.47 -16.56 3.91
CA LEU A 86 13.83 -17.34 2.72
C LEU A 86 12.65 -17.75 1.84
N ARG A 87 11.47 -17.80 2.45
CA ARG A 87 10.20 -18.09 1.76
C ARG A 87 9.91 -17.15 0.56
N PRO A 88 9.64 -17.72 -0.64
CA PRO A 88 9.25 -16.76 -1.73
C PRO A 88 7.93 -16.01 -1.37
N THR A 89 7.76 -14.81 -1.92
CA THR A 89 6.59 -14.00 -1.58
C THR A 89 5.44 -14.49 -2.45
N GLU A 90 4.23 -14.35 -1.93
CA GLU A 90 3.03 -14.62 -2.66
C GLU A 90 2.32 -13.27 -2.71
N GLY A 91 1.97 -12.77 -3.86
CA GLY A 91 1.36 -11.40 -3.96
C GLY A 91 0.13 -11.25 -3.06
N TYR A 92 -0.56 -10.13 -3.13
CA TYR A 92 -1.74 -10.02 -2.32
C TYR A 92 -2.86 -9.81 -3.32
N LEU A 93 -4.11 -9.97 -2.87
CA LEU A 93 -5.22 -9.95 -3.83
C LEU A 93 -5.81 -8.54 -3.82
N ALA A 94 -5.75 -7.86 -4.93
CA ALA A 94 -6.48 -6.60 -5.05
C ALA A 94 -7.97 -6.87 -5.23
N VAL A 95 -8.82 -6.22 -4.44
CA VAL A 95 -10.22 -6.44 -4.57
C VAL A 95 -11.01 -5.12 -4.60
N ALA A 96 -12.26 -5.23 -5.00
CA ALA A 96 -13.19 -4.10 -4.92
C ALA A 96 -14.28 -4.49 -3.92
N VAL A 97 -14.55 -3.66 -2.89
CA VAL A 97 -15.37 -4.03 -1.77
C VAL A 97 -16.49 -2.97 -1.69
N VAL A 98 -17.69 -3.49 -1.43
CA VAL A 98 -18.93 -2.72 -1.33
C VAL A 98 -19.70 -3.24 -0.10
N LYS A 99 -20.76 -2.49 0.27
CA LYS A 99 -21.62 -2.92 1.37
C LYS A 99 -22.61 -3.92 0.79
N LYS A 100 -22.77 -5.03 1.48
CA LYS A 100 -23.84 -6.00 1.13
C LYS A 100 -25.20 -5.29 0.94
N ALA A 101 -25.52 -4.39 1.89
CA ALA A 101 -26.78 -3.61 1.85
C ALA A 101 -26.89 -2.71 0.61
N ASN A 102 -25.79 -2.41 -0.09
CA ASN A 102 -25.85 -1.67 -1.37
C ASN A 102 -26.18 -2.65 -2.52
N GLU A 103 -27.43 -3.15 -2.54
CA GLU A 103 -27.76 -4.23 -3.41
C GLU A 103 -27.71 -3.95 -4.88
N GLY A 104 -27.33 -4.95 -5.65
CA GLY A 104 -27.29 -4.57 -7.10
C GLY A 104 -26.19 -3.59 -7.60
N LEU A 105 -25.30 -3.09 -6.73
CA LEU A 105 -24.07 -2.53 -7.26
C LEU A 105 -23.14 -3.69 -7.68
N THR A 106 -22.64 -3.63 -8.92
CA THR A 106 -21.70 -4.62 -9.35
C THR A 106 -20.59 -3.89 -10.05
N TRP A 107 -19.54 -4.61 -10.37
CA TRP A 107 -18.47 -4.07 -11.21
C TRP A 107 -19.02 -3.28 -12.40
N ASN A 108 -20.10 -3.80 -12.99
CA ASN A 108 -20.68 -3.26 -14.23
C ASN A 108 -21.59 -2.08 -14.02
N SER A 109 -21.90 -1.75 -12.77
CA SER A 109 -22.67 -0.54 -12.53
C SER A 109 -21.89 0.58 -11.73
N LEU A 110 -20.55 0.55 -11.73
CA LEU A 110 -19.70 1.45 -10.93
C LEU A 110 -19.74 2.91 -11.42
N LYS A 111 -20.12 3.10 -12.66
CA LYS A 111 -20.08 4.43 -13.22
C LYS A 111 -20.97 5.41 -12.47
N ASP A 112 -20.45 6.60 -12.26
CA ASP A 112 -21.12 7.59 -11.40
C ASP A 112 -21.31 7.22 -9.92
N LYS A 113 -20.69 6.14 -9.43
CA LYS A 113 -20.75 5.89 -7.98
C LYS A 113 -19.61 6.67 -7.27
N LYS A 114 -19.52 6.51 -5.96
CA LYS A 114 -18.53 7.18 -5.13
C LYS A 114 -17.49 6.16 -4.79
N SER A 115 -16.23 6.53 -5.02
CA SER A 115 -15.16 5.55 -4.84
C SER A 115 -14.12 5.92 -3.79
N CYS A 116 -13.54 4.90 -3.12
CA CYS A 116 -12.45 5.16 -2.16
C CYS A 116 -11.18 4.39 -2.59
N HIS A 117 -10.07 5.09 -2.68
CA HIS A 117 -8.81 4.57 -3.20
C HIS A 117 -7.76 4.77 -2.16
N THR A 118 -6.75 3.88 -2.10
CA THR A 118 -5.71 3.99 -1.09
C THR A 118 -4.92 5.27 -1.38
N ALA A 119 -4.57 5.47 -2.66
CA ALA A 119 -3.88 6.69 -3.17
C ALA A 119 -3.71 6.59 -4.66
N VAL A 120 -3.62 7.71 -5.38
CA VAL A 120 -3.20 7.65 -6.79
C VAL A 120 -1.83 6.94 -6.86
N ASP A 121 -1.63 6.22 -7.95
CA ASP A 121 -0.36 5.54 -8.23
C ASP A 121 -0.14 4.23 -7.45
N ARG A 122 -1.02 3.87 -6.54
CA ARG A 122 -0.80 2.61 -5.83
C ARG A 122 -1.45 1.44 -6.51
N THR A 123 -1.02 0.21 -6.17
CA THR A 123 -1.48 -0.94 -6.96
C THR A 123 -3.01 -1.27 -6.91
N ALA A 124 -3.47 -1.67 -5.75
CA ALA A 124 -4.83 -2.15 -5.59
C ALA A 124 -5.67 -0.92 -5.54
N GLY A 125 -5.18 0.15 -4.97
CA GLY A 125 -5.91 1.39 -4.88
C GLY A 125 -6.27 2.08 -6.17
N TRP A 126 -5.39 1.98 -7.14
CA TRP A 126 -5.39 2.78 -8.34
C TRP A 126 -5.08 2.11 -9.66
N ASN A 127 -3.87 1.60 -9.77
CA ASN A 127 -3.34 1.14 -11.03
C ASN A 127 -4.21 0.01 -11.59
N ILE A 128 -4.55 -0.94 -10.76
CA ILE A 128 -5.38 -2.07 -11.22
C ILE A 128 -6.82 -1.60 -11.57
N PRO A 129 -7.53 -1.00 -10.61
CA PRO A 129 -8.91 -0.63 -10.99
C PRO A 129 -9.02 0.39 -12.06
N MET A 130 -8.22 1.43 -12.02
CA MET A 130 -8.34 2.43 -13.04
C MET A 130 -7.79 1.92 -14.40
N GLY A 131 -6.77 1.08 -14.38
CA GLY A 131 -6.32 0.49 -15.65
C GLY A 131 -7.44 -0.33 -16.27
N LEU A 132 -8.12 -1.12 -15.42
CA LEU A 132 -9.25 -1.96 -15.84
C LEU A 132 -10.37 -1.09 -16.41
N ILE A 133 -10.76 -0.06 -15.68
CA ILE A 133 -11.80 0.85 -16.08
C ILE A 133 -11.52 1.64 -17.37
N VAL A 134 -10.33 2.20 -17.48
CA VAL A 134 -9.92 2.88 -18.74
C VAL A 134 -10.05 1.89 -19.93
N ASN A 135 -9.49 0.69 -19.77
CA ASN A 135 -9.59 -0.32 -20.82
C ASN A 135 -11.02 -0.70 -21.13
N GLN A 136 -11.81 -0.96 -20.09
CA GLN A 136 -13.20 -1.33 -20.37
C GLN A 136 -14.06 -0.24 -20.96
N THR A 137 -13.80 1.01 -20.60
CA THR A 137 -14.61 2.10 -21.13
C THR A 137 -14.09 2.65 -22.49
N GLY A 138 -12.88 2.26 -22.88
CA GLY A 138 -12.15 2.88 -24.00
C GLY A 138 -11.88 4.37 -23.86
N SER A 139 -11.68 4.85 -22.64
CA SER A 139 -11.53 6.29 -22.43
C SER A 139 -10.50 6.55 -21.35
N CYS A 140 -9.65 7.52 -21.58
CA CYS A 140 -8.70 7.99 -20.63
C CYS A 140 -9.30 8.93 -19.59
N ALA A 141 -10.55 9.27 -19.72
CA ALA A 141 -11.15 10.19 -18.77
C ALA A 141 -11.59 9.50 -17.47
N PHE A 142 -10.64 8.92 -16.78
CA PHE A 142 -10.90 8.20 -15.55
C PHE A 142 -11.22 9.13 -14.40
N ASP A 143 -10.98 10.41 -14.60
CA ASP A 143 -11.19 11.41 -13.57
C ASP A 143 -12.63 11.87 -13.59
N GLU A 144 -13.37 11.31 -14.55
CA GLU A 144 -14.79 11.58 -14.82
C GLU A 144 -15.69 10.33 -14.65
N PHE A 145 -15.12 9.19 -14.28
CA PHE A 145 -15.85 7.93 -14.23
C PHE A 145 -16.69 7.86 -12.96
N PHE A 146 -16.07 8.10 -11.81
CA PHE A 146 -16.87 8.11 -10.58
C PHE A 146 -17.41 9.51 -10.34
N SER A 147 -18.52 9.65 -9.64
CA SER A 147 -19.10 10.99 -9.45
C SER A 147 -18.24 11.77 -8.48
N GLN A 148 -17.78 11.11 -7.41
CA GLN A 148 -16.87 11.71 -6.45
C GLN A 148 -15.95 10.57 -5.94
N SER A 149 -14.77 10.91 -5.47
CA SER A 149 -13.85 9.92 -4.87
C SER A 149 -13.01 10.54 -3.78
N CYS A 150 -12.36 9.65 -3.02
CA CYS A 150 -11.24 10.05 -2.30
C CYS A 150 -10.06 9.25 -2.89
N ALA A 151 -9.20 9.96 -3.59
CA ALA A 151 -8.02 9.37 -4.16
C ALA A 151 -6.80 10.24 -3.79
N PRO A 152 -6.20 9.96 -2.65
CA PRO A 152 -5.14 10.86 -2.14
C PRO A 152 -4.00 11.04 -3.18
N GLY A 153 -3.56 12.28 -3.36
CA GLY A 153 -2.48 12.51 -4.34
C GLY A 153 -3.09 13.20 -5.54
N ALA A 154 -4.41 13.18 -5.68
CA ALA A 154 -5.05 13.89 -6.79
C ALA A 154 -5.21 15.40 -6.49
N ASP A 155 -5.71 16.16 -7.44
CA ASP A 155 -5.93 17.65 -7.23
C ASP A 155 -6.98 17.82 -6.17
N PRO A 156 -6.64 18.44 -5.05
CA PRO A 156 -7.58 18.66 -3.93
C PRO A 156 -8.87 19.40 -4.29
N LYS A 157 -8.93 20.15 -5.38
CA LYS A 157 -10.21 20.73 -5.71
C LYS A 157 -11.01 19.87 -6.69
N SER A 158 -10.44 18.75 -7.16
CA SER A 158 -11.12 17.89 -8.14
C SER A 158 -12.10 16.92 -7.47
N ARG A 159 -12.97 16.36 -8.28
CA ARG A 159 -13.91 15.32 -7.86
C ARG A 159 -13.16 14.10 -7.34
N LEU A 160 -11.92 13.85 -7.83
CA LEU A 160 -11.12 12.70 -7.24
C LEU A 160 -10.76 12.88 -5.79
N CYS A 161 -10.81 14.12 -5.30
CA CYS A 161 -10.56 14.40 -3.85
C CYS A 161 -11.79 14.76 -3.01
N ALA A 162 -12.97 14.80 -3.63
CA ALA A 162 -14.14 15.44 -2.97
C ALA A 162 -14.51 14.72 -1.73
N LEU A 163 -14.26 13.43 -1.70
CA LEU A 163 -14.62 12.67 -0.50
C LEU A 163 -13.57 12.58 0.57
N CYS A 164 -12.30 12.96 0.31
CA CYS A 164 -11.27 12.85 1.33
C CYS A 164 -11.53 13.87 2.45
N ALA A 165 -11.04 13.59 3.65
CA ALA A 165 -11.46 14.35 4.83
C ALA A 165 -10.31 15.13 5.47
N GLY A 166 -9.07 14.95 5.02
CA GLY A 166 -8.02 15.59 5.75
C GLY A 166 -7.82 15.06 7.18
N ASP A 167 -7.07 15.83 7.98
CA ASP A 167 -6.63 15.44 9.30
C ASP A 167 -7.65 15.88 10.39
N ASP A 168 -7.30 15.76 11.66
CA ASP A 168 -8.22 15.94 12.77
C ASP A 168 -8.79 17.30 12.69
N GLN A 169 -7.95 18.22 12.27
CA GLN A 169 -8.33 19.59 12.09
C GLN A 169 -9.01 19.90 10.80
N GLY A 170 -9.14 18.92 9.93
CA GLY A 170 -9.69 19.18 8.62
C GLY A 170 -8.71 19.73 7.60
N LEU A 171 -7.46 19.81 7.98
CA LEU A 171 -6.42 20.29 7.08
C LEU A 171 -5.86 19.16 6.20
N ASP A 172 -5.14 19.52 5.13
CA ASP A 172 -4.35 18.46 4.37
C ASP A 172 -5.31 17.45 3.71
N LYS A 173 -6.52 17.94 3.38
CA LYS A 173 -7.45 17.15 2.60
C LYS A 173 -6.73 16.55 1.42
N CYS A 174 -6.86 15.23 1.25
CA CYS A 174 -6.36 14.53 0.04
C CYS A 174 -4.82 14.36 -0.06
N VAL A 175 -4.08 14.66 0.96
CA VAL A 175 -2.62 14.51 0.89
C VAL A 175 -2.39 12.98 1.00
N PRO A 176 -1.41 12.47 0.23
CA PRO A 176 -1.19 11.04 0.25
C PRO A 176 -0.23 10.63 1.37
N ASN A 177 -0.69 10.78 2.61
CA ASN A 177 0.05 10.26 3.77
C ASN A 177 -0.98 9.99 4.87
N SER A 178 -0.57 9.34 5.93
CA SER A 178 -1.52 8.80 6.85
C SER A 178 -2.32 9.88 7.60
N LYS A 179 -1.98 11.18 7.42
CA LYS A 179 -2.75 12.27 8.05
C LYS A 179 -4.13 12.44 7.45
N GLU A 180 -4.24 12.14 6.13
CA GLU A 180 -5.56 12.00 5.44
C GLU A 180 -6.34 10.84 6.05
N LYS A 181 -7.52 11.15 6.58
CA LYS A 181 -8.30 10.13 7.32
C LYS A 181 -8.59 8.94 6.43
N TYR A 182 -8.81 9.18 5.13
CA TYR A 182 -9.09 8.09 4.19
C TYR A 182 -7.89 7.61 3.35
N TYR A 183 -6.70 7.79 3.87
CA TYR A 183 -5.50 7.38 3.17
C TYR A 183 -5.20 5.88 3.32
N GLY A 184 -4.75 5.24 2.23
CA GLY A 184 -4.10 3.93 2.42
C GLY A 184 -5.13 2.82 2.48
N TYR A 185 -4.65 1.59 2.71
CA TYR A 185 -5.62 0.53 2.80
C TYR A 185 -6.68 0.78 3.90
N THR A 186 -6.34 1.09 5.08
CA THR A 186 -7.27 1.24 6.16
C THR A 186 -8.16 2.46 5.99
N GLY A 187 -7.52 3.55 5.56
CA GLY A 187 -8.40 4.76 5.17
C GLY A 187 -9.41 4.56 4.10
N ALA A 188 -9.01 3.89 3.01
CA ALA A 188 -9.97 3.61 1.96
C ALA A 188 -11.07 2.66 2.46
N PHE A 189 -10.69 1.64 3.23
CA PHE A 189 -11.71 0.73 3.78
C PHE A 189 -12.62 1.50 4.79
N ARG A 190 -12.07 2.41 5.59
CA ARG A 190 -12.91 3.22 6.49
C ARG A 190 -13.84 4.13 5.67
N CYS A 191 -13.31 4.66 4.55
CA CYS A 191 -14.14 5.44 3.61
C CYS A 191 -15.37 4.65 3.16
N LEU A 192 -15.19 3.36 2.91
CA LEU A 192 -16.34 2.49 2.63
C LEU A 192 -17.15 2.28 3.94
N ALA A 193 -16.51 1.89 5.02
CA ALA A 193 -17.23 1.39 6.20
C ALA A 193 -18.24 2.49 6.63
N GLU A 194 -17.83 3.75 6.48
CA GLU A 194 -18.59 4.88 7.02
C GLU A 194 -19.56 5.33 5.95
N ASP A 195 -19.58 4.61 4.86
CA ASP A 195 -20.46 4.95 3.75
C ASP A 195 -20.21 6.31 3.13
N VAL A 196 -18.98 6.81 3.24
CA VAL A 196 -18.54 7.96 2.40
C VAL A 196 -18.54 7.52 0.93
N GLY A 197 -18.04 6.32 0.65
CA GLY A 197 -17.97 5.86 -0.70
C GLY A 197 -18.86 4.67 -0.84
N ASP A 198 -19.18 4.35 -2.11
CA ASP A 198 -19.89 3.12 -2.46
C ASP A 198 -18.95 1.89 -2.62
N VAL A 199 -17.70 2.15 -2.94
CA VAL A 199 -16.74 1.06 -3.22
C VAL A 199 -15.37 1.43 -2.68
N ALA A 200 -14.65 0.47 -2.21
CA ALA A 200 -13.28 0.67 -1.84
C ALA A 200 -12.39 -0.29 -2.63
N PHE A 201 -11.35 0.27 -3.22
CA PHE A 201 -10.35 -0.52 -3.84
C PHE A 201 -9.14 -0.73 -2.89
N VAL A 202 -9.08 -1.90 -2.31
CA VAL A 202 -8.12 -2.30 -1.34
C VAL A 202 -7.60 -3.72 -1.65
N LYS A 203 -6.92 -4.35 -0.71
CA LYS A 203 -6.58 -5.74 -0.83
C LYS A 203 -7.41 -6.62 0.08
N ASN A 204 -7.40 -7.90 -0.21
CA ASN A 204 -8.24 -8.87 0.53
C ASN A 204 -7.99 -8.81 2.05
N ASP A 205 -6.73 -8.65 2.44
CA ASP A 205 -6.37 -8.69 3.85
C ASP A 205 -6.98 -7.57 4.68
N THR A 206 -7.08 -6.41 4.04
CA THR A 206 -7.64 -5.23 4.71
C THR A 206 -9.04 -5.55 5.29
N VAL A 207 -9.85 -6.21 4.50
CA VAL A 207 -11.22 -6.45 4.92
C VAL A 207 -11.26 -7.28 6.21
N TRP A 208 -10.52 -8.39 6.21
CA TRP A 208 -10.35 -9.31 7.35
C TRP A 208 -9.78 -8.66 8.58
N GLU A 209 -8.78 -7.81 8.41
CA GLU A 209 -8.07 -7.25 9.50
C GLU A 209 -8.85 -6.14 10.17
N ASN A 210 -9.87 -5.60 9.51
CA ASN A 210 -10.63 -4.51 10.16
C ASN A 210 -12.10 -4.87 10.48
N THR A 211 -12.37 -6.14 10.67
CA THR A 211 -13.81 -6.58 10.87
C THR A 211 -13.80 -7.71 11.91
N ASN A 212 -14.96 -8.00 12.50
CA ASN A 212 -15.13 -9.09 13.48
C ASN A 212 -14.14 -9.04 14.59
N GLY A 213 -13.90 -7.82 15.04
CA GLY A 213 -13.08 -7.56 16.19
C GLY A 213 -11.58 -7.66 15.99
N GLU A 214 -11.13 -7.82 14.73
CA GLU A 214 -9.67 -7.88 14.44
C GLU A 214 -9.07 -6.50 14.67
N SER A 215 -9.87 -5.47 14.50
CA SER A 215 -9.37 -4.13 14.92
C SER A 215 -10.28 -3.64 16.05
N THR A 216 -9.66 -3.01 17.06
CA THR A 216 -10.36 -2.44 18.19
C THR A 216 -10.67 -0.99 17.91
N ALA A 217 -10.06 -0.43 16.86
CA ALA A 217 -10.29 0.97 16.50
C ALA A 217 -11.76 1.30 16.40
N ASP A 218 -12.10 2.52 16.80
CA ASP A 218 -13.51 2.91 17.01
C ASP A 218 -14.35 2.79 15.78
N TRP A 219 -13.74 3.10 14.62
CA TRP A 219 -14.54 3.07 13.40
C TRP A 219 -14.69 1.63 12.93
N ALA A 220 -13.75 0.79 13.34
CA ALA A 220 -13.71 -0.60 12.89
C ALA A 220 -14.24 -1.72 13.85
N LYS A 221 -14.14 -1.45 15.15
CA LYS A 221 -14.55 -2.38 16.23
C LYS A 221 -15.93 -3.02 16.06
N ASN A 222 -16.89 -2.31 15.50
CA ASN A 222 -18.17 -2.90 15.22
C ASN A 222 -18.42 -3.53 13.90
N LEU A 223 -17.45 -3.52 12.97
CA LEU A 223 -17.77 -3.93 11.64
C LEU A 223 -17.78 -5.46 11.54
N LYS A 224 -18.70 -5.98 10.74
CA LYS A 224 -18.89 -7.42 10.52
C LYS A 224 -18.66 -7.72 9.07
N ARG A 225 -17.83 -8.73 8.80
CA ARG A 225 -17.48 -9.16 7.44
C ARG A 225 -18.68 -9.44 6.57
N GLU A 226 -19.75 -9.95 7.21
CA GLU A 226 -20.91 -10.35 6.46
C GLU A 226 -21.63 -9.15 5.84
N ASP A 227 -21.34 -7.95 6.32
CA ASP A 227 -21.96 -6.75 5.80
C ASP A 227 -21.24 -6.23 4.54
N PHE A 228 -20.24 -6.99 4.12
CA PHE A 228 -19.45 -6.61 2.94
C PHE A 228 -19.47 -7.66 1.86
N ARG A 229 -19.37 -7.22 0.60
CA ARG A 229 -19.21 -8.08 -0.54
C ARG A 229 -18.06 -7.63 -1.41
N LEU A 230 -17.55 -8.58 -2.20
CA LEU A 230 -16.52 -8.29 -3.16
C LEU A 230 -17.16 -8.16 -4.48
N LEU A 231 -16.59 -7.32 -5.33
CA LEU A 231 -17.11 -7.23 -6.68
C LEU A 231 -16.22 -8.03 -7.66
N CYS A 232 -16.79 -8.97 -8.42
CA CYS A 232 -16.00 -9.79 -9.34
C CYS A 232 -16.06 -9.19 -10.71
N LEU A 233 -15.04 -9.43 -11.48
CA LEU A 233 -15.00 -8.89 -12.81
C LEU A 233 -16.11 -9.42 -13.71
N ASP A 234 -16.66 -10.57 -13.38
CA ASP A 234 -17.76 -11.16 -14.14
C ASP A 234 -19.10 -10.56 -13.82
N GLY A 235 -19.12 -9.55 -12.99
CA GLY A 235 -20.35 -8.92 -12.61
C GLY A 235 -21.07 -9.50 -11.44
N THR A 236 -20.54 -10.54 -10.85
CA THR A 236 -21.08 -11.11 -9.65
C THR A 236 -20.59 -10.42 -8.37
N ARG A 237 -21.25 -10.69 -7.27
CA ARG A 237 -20.82 -10.23 -5.95
C ARG A 237 -20.62 -11.49 -5.10
N LYS A 238 -19.52 -11.55 -4.37
CA LYS A 238 -19.29 -12.63 -3.46
C LYS A 238 -18.98 -12.21 -2.06
N PRO A 239 -19.17 -13.15 -1.12
CA PRO A 239 -18.72 -12.94 0.24
C PRO A 239 -17.20 -12.81 0.30
N VAL A 240 -16.72 -12.16 1.33
CA VAL A 240 -15.30 -11.81 1.37
C VAL A 240 -14.42 -13.01 1.63
N THR A 241 -15.03 -14.16 1.85
CA THR A 241 -14.27 -15.42 2.05
C THR A 241 -13.88 -15.96 0.67
N GLU A 242 -14.40 -15.38 -0.40
CA GLU A 242 -14.09 -15.86 -1.77
C GLU A 242 -13.13 -15.02 -2.55
N ALA A 243 -12.21 -14.30 -1.91
CA ALA A 243 -11.39 -13.37 -2.72
C ALA A 243 -10.52 -14.14 -3.74
N GLN A 244 -10.22 -15.41 -3.48
CA GLN A 244 -9.39 -16.18 -4.41
C GLN A 244 -10.08 -16.38 -5.75
N SER A 245 -11.40 -16.30 -5.76
CA SER A 245 -12.15 -16.37 -7.01
C SER A 245 -12.87 -15.07 -7.44
N CYS A 246 -12.62 -13.97 -6.73
CA CYS A 246 -13.31 -12.73 -7.04
C CYS A 246 -12.35 -11.54 -6.65
N HIS A 247 -11.21 -11.42 -7.35
CA HIS A 247 -10.25 -10.30 -7.13
C HIS A 247 -10.00 -9.65 -8.51
N LEU A 248 -9.39 -8.47 -8.50
CA LEU A 248 -9.10 -7.75 -9.71
C LEU A 248 -7.74 -8.12 -10.20
N ALA A 249 -6.82 -8.48 -9.28
CA ALA A 249 -5.48 -8.89 -9.70
C ALA A 249 -4.79 -9.43 -8.53
N VAL A 250 -3.66 -10.08 -8.78
CA VAL A 250 -2.73 -10.40 -7.75
C VAL A 250 -1.60 -9.31 -7.81
N ALA A 251 -1.37 -8.58 -6.72
CA ALA A 251 -0.31 -7.51 -6.67
C ALA A 251 1.03 -8.09 -6.19
N PRO A 252 2.19 -7.57 -6.70
CA PRO A 252 3.48 -7.80 -6.01
C PRO A 252 3.56 -7.13 -4.63
N ASN A 253 4.12 -7.84 -3.63
CA ASN A 253 4.17 -7.37 -2.29
C ASN A 253 4.96 -6.01 -2.24
N HIS A 254 4.59 -5.17 -1.28
CA HIS A 254 5.36 -3.98 -0.89
C HIS A 254 6.81 -4.41 -0.63
N ALA A 255 7.73 -3.58 -1.09
CA ALA A 255 9.13 -3.96 -0.91
C ALA A 255 9.95 -2.69 -0.58
N VAL A 256 11.09 -2.93 0.04
CA VAL A 256 12.10 -1.90 0.30
C VAL A 256 12.85 -1.56 -0.97
N VAL A 257 12.99 -0.25 -1.26
CA VAL A 257 13.85 0.10 -2.38
C VAL A 257 14.97 1.00 -1.85
N SER A 258 16.10 1.01 -2.57
CA SER A 258 17.17 1.97 -2.33
C SER A 258 17.95 2.25 -3.60
N ARG A 259 18.94 3.14 -3.52
CA ARG A 259 19.93 3.16 -4.64
C ARG A 259 20.73 1.87 -4.71
N SER A 260 21.05 1.37 -5.95
CA SER A 260 21.97 0.20 -6.10
C SER A 260 23.12 0.30 -5.26
N ASP A 261 23.74 1.49 -5.26
CA ASP A 261 25.04 1.57 -4.57
C ASP A 261 24.94 1.43 -3.03
N ARG A 262 23.73 1.52 -2.47
CA ARG A 262 23.48 1.35 -1.03
C ARG A 262 22.73 0.04 -0.69
N ALA A 263 22.33 -0.70 -1.73
CA ALA A 263 21.38 -1.82 -1.57
C ALA A 263 21.89 -2.87 -0.65
N ALA A 264 23.16 -3.27 -0.87
CA ALA A 264 23.67 -4.35 -0.06
C ALA A 264 23.78 -3.87 1.37
N HIS A 265 24.17 -2.61 1.57
CA HIS A 265 24.26 -2.20 2.96
C HIS A 265 22.87 -2.10 3.63
N VAL A 266 21.91 -1.59 2.87
CA VAL A 266 20.55 -1.42 3.43
C VAL A 266 20.02 -2.83 3.76
N GLU A 267 20.24 -3.78 2.88
CA GLU A 267 19.78 -5.15 3.14
C GLU A 267 20.34 -5.74 4.47
N GLN A 268 21.65 -5.58 4.66
CA GLN A 268 22.35 -6.14 5.82
C GLN A 268 21.80 -5.54 7.11
N VAL A 269 21.69 -4.22 7.11
CA VAL A 269 21.20 -3.56 8.25
C VAL A 269 19.78 -4.02 8.56
N LEU A 270 18.92 -4.08 7.55
CA LEU A 270 17.50 -4.50 7.78
C LEU A 270 17.37 -5.89 8.30
N LEU A 271 18.07 -6.82 7.65
CA LEU A 271 18.05 -8.21 8.16
C LEU A 271 18.39 -8.24 9.66
N HIS A 272 19.37 -7.44 10.05
CA HIS A 272 19.70 -7.30 11.47
C HIS A 272 18.66 -6.56 12.32
N GLN A 273 18.14 -5.44 11.83
CA GLN A 273 17.04 -4.76 12.56
C GLN A 273 15.81 -5.64 12.82
N GLN A 274 15.42 -6.49 11.85
CA GLN A 274 14.25 -7.34 12.06
C GLN A 274 14.54 -8.55 13.05
N ALA A 275 15.79 -9.00 13.09
CA ALA A 275 16.22 -9.98 14.12
C ALA A 275 15.90 -9.39 15.48
N LEU A 276 16.06 -8.06 15.65
CA LEU A 276 15.81 -7.39 16.92
C LEU A 276 14.34 -6.99 17.13
N PHE A 277 13.72 -6.41 16.08
CA PHE A 277 12.38 -5.75 16.27
C PHE A 277 11.22 -6.34 15.49
N GLY A 278 11.51 -7.38 14.71
CA GLY A 278 10.51 -7.95 13.84
C GLY A 278 9.64 -8.91 14.63
N LYS A 279 8.87 -9.71 13.89
CA LYS A 279 7.94 -10.66 14.50
C LYS A 279 8.78 -11.69 15.26
N ASN A 280 8.45 -12.00 16.50
CA ASN A 280 9.35 -12.84 17.37
C ASN A 280 10.75 -12.27 17.65
N GLY A 281 11.01 -11.00 17.32
CA GLY A 281 12.36 -10.42 17.42
C GLY A 281 12.82 -10.25 18.86
N LYS A 282 14.12 -10.17 19.08
CA LYS A 282 14.66 -10.28 20.43
C LYS A 282 14.08 -9.23 21.34
N ASN A 283 13.77 -8.07 20.77
CA ASN A 283 13.26 -6.96 21.52
C ASN A 283 11.84 -6.54 21.15
N CYS A 284 11.10 -7.39 20.49
CA CYS A 284 9.70 -7.10 20.27
C CYS A 284 8.99 -8.23 20.92
N PRO A 285 8.07 -7.92 21.86
CA PRO A 285 7.43 -6.60 22.07
C PRO A 285 7.94 -5.70 23.20
N ASP A 286 8.98 -6.12 23.93
CA ASP A 286 9.30 -5.42 25.16
C ASP A 286 9.71 -3.99 24.87
N LYS A 287 10.43 -3.83 23.77
CA LYS A 287 11.00 -2.55 23.44
C LYS A 287 10.34 -1.94 22.23
N PHE A 288 10.37 -2.62 21.09
CA PHE A 288 9.87 -1.98 19.86
C PHE A 288 9.56 -3.06 18.83
N CYS A 289 8.42 -2.92 18.16
CA CYS A 289 8.06 -3.81 17.10
C CYS A 289 7.99 -3.03 15.80
N LEU A 290 8.90 -3.38 14.92
CA LEU A 290 9.03 -2.71 13.63
C LEU A 290 7.76 -2.90 12.79
N PHE A 291 7.04 -4.00 13.01
CA PHE A 291 5.92 -4.30 12.12
C PHE A 291 4.57 -4.06 12.79
N LYS A 292 4.49 -3.22 13.79
CA LYS A 292 3.24 -2.86 14.38
C LYS A 292 3.09 -1.34 14.50
N SER A 293 1.87 -0.85 14.31
CA SER A 293 1.50 0.54 14.49
C SER A 293 0.01 0.76 14.74
N GLU A 294 -0.61 -0.08 15.54
CA GLU A 294 -2.04 0.00 15.74
C GLU A 294 -2.84 0.03 14.44
N THR A 295 -2.57 -0.91 13.55
CA THR A 295 -3.32 -1.10 12.29
C THR A 295 -3.13 0.05 11.27
N LYS A 296 -2.22 0.94 11.58
CA LYS A 296 -2.03 2.09 10.75
C LYS A 296 -1.02 1.82 9.63
N ASN A 297 -0.45 0.64 9.60
CA ASN A 297 0.48 0.29 8.50
C ASN A 297 1.56 1.32 8.28
N LEU A 298 2.22 1.73 9.35
CA LEU A 298 3.25 2.82 9.25
C LEU A 298 4.61 2.21 8.97
N LEU A 299 5.26 2.65 7.89
CA LEU A 299 6.57 2.13 7.41
C LEU A 299 6.45 0.81 6.74
N PHE A 300 5.74 -0.11 7.39
CA PHE A 300 5.52 -1.46 6.89
C PHE A 300 4.05 -1.80 7.15
N ASN A 301 3.45 -2.64 6.31
CA ASN A 301 2.18 -3.28 6.69
C ASN A 301 2.24 -3.98 8.05
N ASP A 302 1.22 -3.72 8.87
CA ASP A 302 1.12 -4.43 10.17
C ASP A 302 1.01 -5.94 10.01
N ASN A 303 0.65 -6.45 8.87
CA ASN A 303 0.58 -7.91 8.76
C ASN A 303 1.92 -8.56 8.23
N THR A 304 3.01 -7.78 8.18
CA THR A 304 4.28 -8.29 7.70
C THR A 304 4.89 -9.25 8.76
N GLU A 305 5.18 -10.47 8.35
CA GLU A 305 5.83 -11.42 9.25
C GLU A 305 7.34 -11.18 9.24
N CYS A 306 7.90 -10.90 8.04
CA CYS A 306 9.32 -10.55 7.95
C CYS A 306 9.55 -9.83 6.63
N LEU A 307 10.73 -9.25 6.47
CA LEU A 307 11.16 -8.83 5.16
C LEU A 307 12.05 -10.00 4.62
N ALA A 308 11.81 -10.38 3.38
CA ALA A 308 12.35 -11.62 2.79
C ALA A 308 13.29 -11.27 1.65
N LYS A 309 14.35 -12.06 1.52
CA LYS A 309 15.33 -11.87 0.45
C LYS A 309 14.68 -12.15 -0.83
N LEU A 310 15.11 -11.45 -1.90
CA LEU A 310 14.52 -11.67 -3.17
C LEU A 310 15.28 -12.78 -3.91
N GLY A 311 14.63 -13.53 -4.78
CA GLY A 311 15.32 -14.53 -5.64
C GLY A 311 15.75 -13.84 -6.91
N GLY A 312 17.01 -14.09 -7.30
CA GLY A 312 17.44 -13.69 -8.64
C GLY A 312 17.85 -12.23 -8.82
N ARG A 313 18.19 -11.54 -7.74
CA ARG A 313 18.58 -10.10 -7.80
C ARG A 313 17.72 -9.35 -8.83
N PRO A 314 16.38 -9.39 -8.64
CA PRO A 314 15.49 -8.89 -9.68
C PRO A 314 15.66 -7.39 -9.92
N THR A 315 15.54 -6.97 -11.18
CA THR A 315 15.42 -5.54 -11.41
C THR A 315 14.00 -5.14 -10.98
N TYR A 316 13.70 -3.85 -11.05
CA TYR A 316 12.35 -3.51 -10.60
C TYR A 316 11.26 -4.11 -11.56
N GLU A 317 11.60 -4.26 -12.84
CA GLU A 317 10.68 -4.86 -13.78
C GLU A 317 10.42 -6.30 -13.49
N GLU A 318 11.48 -7.06 -13.17
CA GLU A 318 11.36 -8.41 -12.85
C GLU A 318 10.59 -8.57 -11.55
N TYR A 319 10.86 -7.70 -10.58
CA TYR A 319 10.14 -7.80 -9.30
C TYR A 319 8.61 -7.56 -9.51
N LEU A 320 8.28 -6.51 -10.25
CA LEU A 320 6.90 -6.19 -10.48
C LEU A 320 6.22 -7.19 -11.44
N GLY A 321 6.98 -7.70 -12.45
CA GLY A 321 6.47 -8.59 -13.42
C GLY A 321 6.03 -7.77 -14.62
N THR A 322 6.28 -8.36 -15.80
CA THR A 322 6.18 -7.66 -17.09
C THR A 322 4.80 -7.15 -17.37
N GLU A 323 3.84 -7.99 -17.09
CA GLU A 323 2.44 -7.69 -17.28
C GLU A 323 1.98 -6.52 -16.42
N TYR A 324 2.33 -6.51 -15.12
CA TYR A 324 1.94 -5.39 -14.25
C TYR A 324 2.58 -4.10 -14.78
N VAL A 325 3.89 -4.20 -15.11
CA VAL A 325 4.64 -3.07 -15.66
C VAL A 325 3.98 -2.50 -16.90
N THR A 326 3.50 -3.40 -17.77
CA THR A 326 2.85 -2.97 -19.02
C THR A 326 1.47 -2.38 -18.70
N ALA A 327 0.77 -2.95 -17.75
CA ALA A 327 -0.51 -2.32 -17.32
C ALA A 327 -0.34 -0.88 -16.83
N ILE A 328 0.69 -0.61 -16.01
CA ILE A 328 1.02 0.72 -15.56
C ILE A 328 1.42 1.68 -16.67
N ALA A 329 2.41 1.29 -17.49
CA ALA A 329 2.79 2.07 -18.68
C ALA A 329 1.54 2.48 -19.49
N ASN A 330 0.70 1.50 -19.76
CA ASN A 330 -0.56 1.74 -20.51
C ASN A 330 -1.47 2.80 -19.90
N LEU A 331 -1.69 2.68 -18.59
CA LEU A 331 -2.51 3.64 -17.85
C LEU A 331 -1.90 5.04 -17.86
N LYS A 332 -0.58 5.11 -17.69
CA LYS A 332 0.06 6.42 -17.63
C LYS A 332 0.07 7.08 -19.00
N LYS A 333 -0.20 6.33 -20.05
CA LYS A 333 -0.40 6.94 -21.35
C LYS A 333 -1.60 7.90 -21.32
N CYS A 334 -2.51 7.69 -20.37
CA CYS A 334 -3.64 8.60 -20.22
C CYS A 334 -3.33 9.97 -19.63
N SER A 335 -2.27 10.09 -18.83
CA SER A 335 -1.94 11.40 -18.21
C SER A 335 -0.45 11.65 -18.03
N LEU A 340 7.17 4.94 -20.59
CA LEU A 340 7.90 3.93 -21.36
C LEU A 340 9.41 4.26 -21.42
N GLU A 341 9.82 5.32 -20.72
CA GLU A 341 11.25 5.69 -20.67
C GLU A 341 11.79 6.40 -19.40
N ALA A 342 11.38 7.65 -19.18
CA ALA A 342 12.15 8.52 -18.28
C ALA A 342 11.71 8.50 -16.81
N CYS A 343 12.67 8.83 -15.93
CA CYS A 343 12.33 9.22 -14.56
C CYS A 343 11.37 10.46 -14.55
N ALA A 344 10.25 10.31 -13.84
CA ALA A 344 9.25 11.38 -13.63
C ALA A 344 9.84 12.63 -13.00
N PHE A 345 11.00 12.48 -12.35
CA PHE A 345 11.69 13.60 -11.70
C PHE A 345 12.93 14.04 -12.50
C1 NAG B . -5.40 -2.65 -20.43
C2 NAG B . -4.69 -3.74 -19.63
C3 NAG B . -3.26 -4.00 -20.15
C4 NAG B . -3.23 -4.06 -21.71
C5 NAG B . -3.87 -2.74 -22.15
C6 NAG B . -3.77 -2.35 -23.63
C7 NAG B . -5.07 -3.84 -17.23
C8 NAG B . -4.93 -3.10 -15.92
N2 NAG B . -4.65 -3.22 -18.29
O3 NAG B . -2.73 -5.14 -19.48
O4 NAG B . -1.90 -4.06 -22.23
O5 NAG B . -5.20 -2.90 -21.80
O6 NAG B . -4.17 -3.45 -24.43
O7 NAG B . -5.50 -4.98 -17.25
C1 NAG B . -1.52 -5.30 -22.90
C2 NAG B . -0.34 -5.04 -23.85
C3 NAG B . 0.20 -6.30 -24.51
C4 NAG B . 0.33 -7.44 -23.51
C5 NAG B . -0.93 -7.58 -22.63
C6 NAG B . -0.77 -8.62 -21.54
C7 NAG B . -0.14 -2.92 -25.05
C8 NAG B . -0.67 -2.07 -26.16
N2 NAG B . -0.73 -4.11 -24.88
O3 NAG B . 1.48 -6.03 -25.05
O4 NAG B . 0.66 -8.61 -24.22
O5 NAG B . -1.21 -6.34 -21.99
O6 NAG B . 0.21 -8.19 -20.61
O7 NAG B . 0.78 -2.52 -24.34
C1 NAG C . -7.53 -12.86 2.76
C2 NAG C . -6.99 -14.29 2.68
C3 NAG C . -7.20 -15.04 3.99
C4 NAG C . -6.58 -14.25 5.15
C5 NAG C . -7.09 -12.77 5.11
C6 NAG C . -6.47 -11.83 6.15
C7 NAG C . -7.17 -15.32 0.49
C8 NAG C . -8.05 -16.04 -0.49
N2 NAG C . -7.71 -14.99 1.66
O3 NAG C . -6.61 -16.32 3.85
O4 NAG C . -7.00 -14.83 6.35
O5 NAG C . -6.89 -12.22 3.83
O6 NAG C . -5.09 -11.86 6.02
O7 NAG C . -6.02 -15.07 0.19
C1 NAG C . -5.88 -15.19 7.18
C2 NAG C . -6.31 -15.43 8.62
C3 NAG C . -5.20 -16.15 9.43
C4 NAG C . -4.75 -17.40 8.69
C5 NAG C . -4.16 -16.84 7.39
C6 NAG C . -3.46 -17.89 6.57
C7 NAG C . -7.80 -13.86 9.71
C8 NAG C . -7.91 -12.54 10.40
N2 NAG C . -6.58 -14.17 9.28
O3 NAG C . -5.55 -16.43 10.77
O4 NAG C . -3.79 -18.14 9.45
O5 NAG C . -5.22 -16.30 6.62
O6 NAG C . -4.45 -18.75 6.05
O7 NAG C . -8.80 -14.56 9.57
FE FE D . -0.32 -2.02 -2.21
C CO3 E . -2.17 -0.43 -2.70
O1 CO3 E . -1.28 -0.05 -1.83
O2 CO3 E . -2.00 -1.53 -3.28
O3 CO3 E . -3.22 0.26 -3.02
S SO4 F . -25.47 -10.22 -2.33
O1 SO4 F . -25.39 -10.99 -1.09
O2 SO4 F . -26.69 -10.60 -3.05
O3 SO4 F . -24.30 -10.55 -3.16
O4 SO4 F . -25.59 -8.77 -2.10
ZN ZN G . 17.16 -10.78 -13.51
ZN ZN H . -6.49 -14.19 -10.42
C1 NAG I . 24.53 -1.22 15.56
C2 NAG I . 24.05 -2.50 16.26
C3 NAG I . 25.26 -3.27 16.85
C4 NAG I . 26.41 -3.54 15.85
C5 NAG I . 26.57 -2.38 14.85
C6 NAG I . 27.21 -2.91 13.55
C7 NAG I . 21.67 -2.13 17.15
C8 NAG I . 21.07 -1.88 18.52
N2 NAG I . 23.02 -2.26 17.25
O3 NAG I . 24.78 -4.54 17.22
O4 NAG I . 27.66 -3.92 16.45
O5 NAG I . 25.31 -1.80 14.53
O6 NAG I . 26.31 -3.78 12.89
O7 NAG I . 20.97 -2.19 16.07
C4 TLF J . -2.92 -11.87 -11.21
C5 TLF J . -2.83 -10.73 -11.95
C6 TLF J . -3.96 -10.37 -12.70
C8 TLF J . -2.84 -8.44 -13.76
C9 TLF J . -1.54 -8.70 -13.33
C10 TLF J . -0.54 -7.79 -13.60
C11 TLF J . -0.85 -6.64 -14.33
C12 TLF J . -2.15 -6.32 -14.77
C13 TLF J . -3.18 -7.18 -14.51
C14 TLF J . -4.60 -6.90 -14.94
O16 TLF J . -5.29 -6.06 -14.27
O15 TLF J . -5.08 -7.50 -15.96
N7 TLF J . -3.91 -9.26 -13.52
C1 TLF J . -5.20 -11.06 -12.58
C17 TLF J . -6.43 -10.59 -13.33
C2 TLF J . -5.35 -12.17 -11.74
CL TLF J . -6.69 -12.92 -11.68
C3 TLF J . -4.17 -12.57 -11.09
#